data_1L3R
#
_entry.id   1L3R
#
_cell.length_a   72.680
_cell.length_b   75.700
_cell.length_c   80.550
_cell.angle_alpha   90.00
_cell.angle_beta   90.00
_cell.angle_gamma   90.00
#
_symmetry.space_group_name_H-M   'P 21 21 21'
#
loop_
_entity.id
_entity.type
_entity.pdbx_description
1 polymer 'CAMP-DEPENDENT PROTEIN KINASE, ALPHA-CATALYTIC SUBUNIT'
2 polymer 'CAMP-DEPENDENT PROTEIN KINASE INHIBITOR, MUSCLE/BRAIN FORM'
3 non-polymer 'MAGNESIUM ION'
4 non-polymer "ADENOSINE-5'-DIPHOSPHATE"
5 non-polymer 'ALUMINUM FLUORIDE'
6 non-polymer (4S)-2-METHYL-2,4-PENTANEDIOL
7 water water
#
loop_
_entity_poly.entity_id
_entity_poly.type
_entity_poly.pdbx_seq_one_letter_code
_entity_poly.pdbx_strand_id
1 'polypeptide(L)'
;GNAAAAKKG(SEP)EQESVKEFLAKAKEDFLKKWETPSQNTAQLDQFDRIKTLGTGSFGRVMLVKHKESGNHYAMKILDK
QKVVKLKQIEHTLNEKRILQAVNFPFLVKLEFSFKDNSNLYMVMEYVAGGEMFSHLRRIGRF(SEP)EPHARFYAAQIVL
TFEYLHSLDLIYRDLKPENLLIDQQGYIQVTDFGFAKRVKGRTW(TPO)LCGTPEYLAPEIILSKGYNKAVDWWALGVLI
YEMAAGYPPFFADQPIQIYEKIVSGKVRFPSHFSSDLKDLLRNLLQVDLTKRFGNLKNGVNDIKNHKWFATTDWIAIYQR
KVEAPFIPKFKGPGDTSNFDDYEEEEIRV(SEP)INEKCGKEFTEF
;
E
2 'polypeptide(L)' TTYADFIASGRTGRRASIHD I
#
loop_
_chem_comp.id
_chem_comp.type
_chem_comp.name
_chem_comp.formula
ADP non-polymer ADENOSINE-5'-DIPHOSPHATE 'C10 H15 N5 O10 P2'
AF3 non-polymer 'ALUMINUM FLUORIDE' 'Al F3'
MG non-polymer 'MAGNESIUM ION' 'Mg 2'
MPD non-polymer (4S)-2-METHYL-2,4-PENTANEDIOL 'C6 H14 O2'
#
# COMPACT_ATOMS: atom_id res chain seq x y z
N GLY A 1 10.36 2.41 6.97
CA GLY A 1 11.53 2.78 6.13
C GLY A 1 12.53 3.64 6.88
N ASN A 2 13.81 3.50 6.52
CA ASN A 2 14.87 4.27 7.16
C ASN A 2 14.86 5.71 6.64
N ALA A 3 14.95 6.66 7.56
CA ALA A 3 14.97 8.08 7.19
C ALA A 3 16.19 8.36 6.34
N ALA A 4 16.22 9.56 5.73
CA ALA A 4 17.33 9.96 4.89
C ALA A 4 18.69 9.62 5.51
N SER A 14 20.37 16.17 -8.98
CA SER A 14 20.08 15.75 -7.62
C SER A 14 19.12 14.57 -7.61
N VAL A 15 17.89 14.81 -8.04
CA VAL A 15 16.87 13.77 -8.08
C VAL A 15 17.32 12.63 -9.00
N LYS A 16 17.64 12.97 -10.24
CA LYS A 16 18.10 11.98 -11.22
C LYS A 16 19.32 11.24 -10.69
N GLU A 17 20.17 11.96 -9.96
CA GLU A 17 21.37 11.38 -9.39
C GLU A 17 21.00 10.47 -8.22
N PHE A 18 20.05 10.93 -7.40
CA PHE A 18 19.61 10.15 -6.25
C PHE A 18 19.04 8.80 -6.69
N LEU A 19 18.13 8.85 -7.65
CA LEU A 19 17.49 7.65 -8.17
C LEU A 19 18.49 6.71 -8.84
N ALA A 20 19.62 7.26 -9.28
CA ALA A 20 20.64 6.46 -9.93
C ALA A 20 21.29 5.54 -8.90
N LYS A 21 21.64 6.12 -7.75
CA LYS A 21 22.28 5.37 -6.68
C LYS A 21 21.29 4.44 -6.00
N ALA A 22 20.03 4.86 -5.95
CA ALA A 22 18.97 4.06 -5.33
C ALA A 22 18.80 2.77 -6.14
N LYS A 23 18.81 2.92 -7.46
CA LYS A 23 18.65 1.79 -8.37
C LYS A 23 19.80 0.81 -8.24
N GLU A 24 21.02 1.34 -8.05
CA GLU A 24 22.18 0.49 -7.91
C GLU A 24 22.00 -0.39 -6.69
N ASP A 25 21.58 0.22 -5.58
CA ASP A 25 21.35 -0.51 -4.34
C ASP A 25 20.27 -1.58 -4.51
N PHE A 26 19.18 -1.21 -5.17
CA PHE A 26 18.07 -2.14 -5.39
C PHE A 26 18.47 -3.36 -6.22
N LEU A 27 19.10 -3.13 -7.36
CA LEU A 27 19.50 -4.22 -8.24
C LEU A 27 20.39 -5.26 -7.54
N LYS A 28 21.22 -4.82 -6.61
CA LYS A 28 22.10 -5.75 -5.90
C LYS A 28 21.29 -6.76 -5.10
N LYS A 29 20.33 -6.27 -4.32
CA LYS A 29 19.47 -7.13 -3.51
C LYS A 29 18.52 -7.92 -4.41
N TRP A 30 18.02 -7.27 -5.45
CA TRP A 30 17.10 -7.90 -6.39
C TRP A 30 17.74 -9.11 -7.07
N GLU A 31 19.03 -9.00 -7.40
CA GLU A 31 19.74 -10.10 -8.06
C GLU A 31 20.11 -11.22 -7.09
N THR A 32 20.36 -10.85 -5.83
CA THR A 32 20.72 -11.85 -4.82
C THR A 32 19.88 -11.61 -3.57
N PRO A 33 18.62 -12.06 -3.57
CA PRO A 33 17.69 -11.89 -2.45
C PRO A 33 18.12 -12.62 -1.18
N SER A 34 17.79 -12.04 -0.03
CA SER A 34 18.12 -12.68 1.23
C SER A 34 17.12 -13.81 1.35
N GLN A 35 17.45 -14.84 2.12
CA GLN A 35 16.55 -15.98 2.26
C GLN A 35 16.79 -16.73 3.56
N ASN A 36 15.71 -17.21 4.17
CA ASN A 36 15.77 -17.96 5.42
C ASN A 36 16.64 -17.26 6.46
N THR A 37 16.19 -16.09 6.92
CA THR A 37 16.95 -15.30 7.88
C THR A 37 16.41 -15.35 9.31
N ALA A 38 15.54 -16.32 9.58
CA ALA A 38 14.97 -16.49 10.92
C ALA A 38 14.11 -17.73 10.93
N GLN A 39 13.54 -18.04 12.08
CA GLN A 39 12.67 -19.21 12.20
C GLN A 39 11.53 -18.89 13.16
N LEU A 40 10.45 -19.65 13.04
CA LEU A 40 9.27 -19.43 13.86
C LEU A 40 9.47 -19.36 15.38
N ASP A 41 10.18 -20.32 15.96
CA ASP A 41 10.38 -20.32 17.42
C ASP A 41 11.24 -19.21 18.01
N GLN A 42 11.69 -18.28 17.17
CA GLN A 42 12.51 -17.18 17.67
C GLN A 42 11.60 -16.00 18.03
N PHE A 43 10.30 -16.18 17.83
CA PHE A 43 9.31 -15.14 18.09
C PHE A 43 8.15 -15.63 18.96
N ASP A 44 7.60 -14.71 19.73
CA ASP A 44 6.44 -15.02 20.56
C ASP A 44 5.26 -14.32 19.86
N ARG A 45 4.28 -15.10 19.43
CA ARG A 45 3.11 -14.54 18.75
C ARG A 45 2.17 -13.94 19.77
N ILE A 46 1.86 -12.66 19.58
CA ILE A 46 1.02 -11.92 20.51
C ILE A 46 -0.43 -11.70 20.09
N LYS A 47 -0.64 -11.00 18.97
CA LYS A 47 -2.00 -10.70 18.54
C LYS A 47 -2.08 -10.32 17.06
N THR A 48 -3.23 -10.59 16.45
CA THR A 48 -3.46 -10.26 15.05
C THR A 48 -3.71 -8.77 14.89
N LEU A 49 -2.93 -8.13 14.02
CA LEU A 49 -3.05 -6.70 13.77
C LEU A 49 -4.00 -6.43 12.61
N GLY A 50 -4.06 -7.36 11.67
CA GLY A 50 -4.93 -7.20 10.53
C GLY A 50 -4.85 -8.37 9.57
N THR A 51 -5.80 -8.44 8.65
CA THR A 51 -5.83 -9.51 7.67
C THR A 51 -6.27 -8.92 6.34
N GLY A 52 -5.92 -9.61 5.26
CA GLY A 52 -6.32 -9.18 3.93
C GLY A 52 -6.86 -10.43 3.26
N SER A 53 -7.01 -10.42 1.93
CA SER A 53 -7.52 -11.60 1.24
C SER A 53 -6.51 -12.73 1.28
N PHE A 54 -5.25 -12.40 1.53
CA PHE A 54 -4.21 -13.42 1.49
C PHE A 54 -3.50 -13.78 2.79
N GLY A 55 -3.16 -12.78 3.60
CA GLY A 55 -2.44 -13.08 4.83
C GLY A 55 -2.97 -12.54 6.13
N ARG A 56 -2.36 -13.03 7.22
CA ARG A 56 -2.68 -12.62 8.56
C ARG A 56 -1.40 -12.02 9.13
N VAL A 57 -1.48 -10.79 9.62
CA VAL A 57 -0.31 -10.13 10.17
C VAL A 57 -0.45 -10.08 11.67
N MET A 58 0.53 -10.65 12.37
CA MET A 58 0.50 -10.69 13.83
C MET A 58 1.63 -9.90 14.46
N LEU A 59 1.33 -9.28 15.60
CA LEU A 59 2.34 -8.56 16.35
C LEU A 59 3.12 -9.68 17.01
N VAL A 60 4.44 -9.66 16.86
CA VAL A 60 5.26 -10.70 17.49
C VAL A 60 6.38 -10.05 18.28
N LYS A 61 6.94 -10.83 19.21
CA LYS A 61 8.03 -10.36 20.06
C LYS A 61 9.28 -11.19 19.78
N HIS A 62 10.34 -10.54 19.30
CA HIS A 62 11.59 -11.23 19.02
C HIS A 62 12.26 -11.54 20.37
N LYS A 63 12.33 -12.83 20.72
CA LYS A 63 12.90 -13.25 21.99
C LYS A 63 14.29 -12.70 22.29
N GLU A 64 15.24 -12.96 21.41
CA GLU A 64 16.63 -12.52 21.59
C GLU A 64 16.81 -11.00 21.76
N SER A 65 16.23 -10.22 20.86
CA SER A 65 16.38 -8.76 20.91
C SER A 65 15.33 -8.02 21.75
N GLY A 66 14.20 -8.67 21.99
CA GLY A 66 13.15 -8.03 22.75
C GLY A 66 12.36 -7.07 21.87
N ASN A 67 12.67 -7.04 20.58
CA ASN A 67 11.97 -6.15 19.65
C ASN A 67 10.62 -6.68 19.22
N HIS A 68 9.71 -5.75 18.95
CA HIS A 68 8.37 -6.11 18.49
C HIS A 68 8.34 -5.97 16.97
N TYR A 69 7.69 -6.90 16.30
CA TYR A 69 7.61 -6.87 14.85
C TYR A 69 6.20 -7.24 14.38
N ALA A 70 5.95 -7.06 13.09
CA ALA A 70 4.65 -7.39 12.48
C ALA A 70 4.96 -8.53 11.51
N MET A 71 4.50 -9.72 11.84
CA MET A 71 4.75 -10.90 11.02
C MET A 71 3.58 -11.27 10.11
N LYS A 72 3.81 -11.22 8.80
CA LYS A 72 2.75 -11.58 7.85
C LYS A 72 2.86 -13.08 7.61
N ILE A 73 1.76 -13.79 7.85
CA ILE A 73 1.72 -15.23 7.66
C ILE A 73 0.85 -15.61 6.46
N LEU A 74 1.40 -16.42 5.57
CA LEU A 74 0.69 -16.86 4.37
C LEU A 74 0.68 -18.37 4.28
N ASP A 75 -0.52 -18.93 4.15
CA ASP A 75 -0.70 -20.38 4.02
C ASP A 75 -0.39 -20.74 2.56
N LYS A 76 0.64 -21.54 2.35
CA LYS A 76 1.05 -21.93 0.99
C LYS A 76 -0.06 -22.52 0.15
N GLN A 77 -0.86 -23.40 0.74
CA GLN A 77 -1.94 -24.01 -0.03
C GLN A 77 -2.97 -22.95 -0.43
N LYS A 78 -3.24 -22.01 0.45
CA LYS A 78 -4.20 -20.94 0.14
C LYS A 78 -3.66 -20.07 -0.99
N VAL A 79 -2.37 -19.77 -0.93
CA VAL A 79 -1.72 -18.96 -1.95
C VAL A 79 -1.88 -19.61 -3.33
N VAL A 80 -1.67 -20.92 -3.39
CA VAL A 80 -1.81 -21.66 -4.63
C VAL A 80 -3.25 -21.60 -5.12
N LYS A 81 -4.21 -21.86 -4.22
CA LYS A 81 -5.63 -21.82 -4.57
C LYS A 81 -6.06 -20.47 -5.13
N LEU A 82 -5.53 -19.40 -4.56
CA LEU A 82 -5.88 -18.06 -4.98
C LEU A 82 -5.03 -17.52 -6.13
N LYS A 83 -4.23 -18.39 -6.75
CA LYS A 83 -3.37 -18.04 -7.87
C LYS A 83 -2.39 -16.91 -7.56
N GLN A 84 -1.81 -16.94 -6.36
CA GLN A 84 -0.88 -15.91 -5.95
C GLN A 84 0.56 -16.41 -5.77
N ILE A 85 0.92 -17.51 -6.42
CA ILE A 85 2.28 -18.03 -6.28
C ILE A 85 3.34 -17.05 -6.77
N GLU A 86 3.27 -16.65 -8.03
CA GLU A 86 4.25 -15.70 -8.57
C GLU A 86 4.15 -14.34 -7.89
N HIS A 87 2.95 -13.93 -7.50
CA HIS A 87 2.77 -12.64 -6.84
C HIS A 87 3.46 -12.61 -5.49
N THR A 88 3.40 -13.74 -4.78
CA THR A 88 4.01 -13.86 -3.46
C THR A 88 5.53 -13.85 -3.55
N LEU A 89 6.06 -14.45 -4.61
CA LEU A 89 7.51 -14.47 -4.82
C LEU A 89 7.93 -13.03 -5.16
N ASN A 90 7.13 -12.32 -5.96
CA ASN A 90 7.42 -10.93 -6.31
C ASN A 90 7.45 -10.10 -5.03
N GLU A 91 6.41 -10.28 -4.22
CA GLU A 91 6.23 -9.55 -2.98
C GLU A 91 7.46 -9.59 -2.08
N LYS A 92 7.92 -10.80 -1.78
CA LYS A 92 9.07 -11.00 -0.91
C LYS A 92 10.37 -10.51 -1.55
N ARG A 93 10.56 -10.85 -2.83
CA ARG A 93 11.78 -10.46 -3.54
C ARG A 93 11.90 -8.95 -3.65
N ILE A 94 10.80 -8.27 -3.92
CA ILE A 94 10.82 -6.81 -4.06
C ILE A 94 10.94 -6.10 -2.70
N LEU A 95 10.16 -6.54 -1.72
CA LEU A 95 10.21 -5.91 -0.40
C LEU A 95 11.57 -6.04 0.29
N GLN A 96 12.27 -7.15 0.06
CA GLN A 96 13.59 -7.32 0.68
C GLN A 96 14.66 -6.51 -0.01
N ALA A 97 14.33 -5.95 -1.18
CA ALA A 97 15.31 -5.18 -1.95
C ALA A 97 15.13 -3.66 -1.93
N VAL A 98 13.95 -3.18 -1.59
CA VAL A 98 13.71 -1.74 -1.58
C VAL A 98 14.11 -1.06 -0.27
N ASN A 99 14.24 0.25 -0.32
CA ASN A 99 14.64 1.03 0.85
C ASN A 99 14.24 2.47 0.65
N PHE A 100 13.21 2.91 1.38
CA PHE A 100 12.71 4.27 1.28
C PHE A 100 12.09 4.66 2.61
N PRO A 101 12.12 5.95 2.97
CA PRO A 101 11.57 6.45 4.23
C PRO A 101 10.09 6.15 4.46
N PHE A 102 9.34 5.92 3.39
CA PHE A 102 7.91 5.67 3.52
C PHE A 102 7.48 4.24 3.17
N LEU A 103 8.45 3.34 3.03
CA LEU A 103 8.17 1.94 2.72
C LEU A 103 8.50 1.10 3.94
N VAL A 104 7.58 0.23 4.34
CA VAL A 104 7.80 -0.64 5.49
C VAL A 104 9.02 -1.51 5.27
N LYS A 105 9.84 -1.65 6.31
CA LYS A 105 11.07 -2.44 6.21
C LYS A 105 10.88 -3.92 6.53
N LEU A 106 11.36 -4.78 5.64
CA LEU A 106 11.26 -6.22 5.85
C LEU A 106 12.49 -6.67 6.63
N GLU A 107 12.27 -7.04 7.89
CA GLU A 107 13.35 -7.48 8.77
C GLU A 107 13.82 -8.90 8.52
N PHE A 108 12.89 -9.85 8.45
CA PHE A 108 13.22 -11.25 8.23
C PHE A 108 12.20 -11.93 7.33
N SER A 109 12.55 -13.12 6.85
CA SER A 109 11.64 -13.90 6.03
C SER A 109 12.07 -15.35 6.10
N PHE A 110 11.10 -16.26 6.09
CA PHE A 110 11.36 -17.68 6.14
C PHE A 110 10.08 -18.46 5.88
N LYS A 111 10.20 -19.79 5.85
CA LYS A 111 9.06 -20.65 5.61
C LYS A 111 9.21 -21.96 6.35
N ASP A 112 8.12 -22.73 6.39
CA ASP A 112 8.15 -24.05 7.03
C ASP A 112 7.28 -24.96 6.17
N ASN A 113 6.92 -26.12 6.69
CA ASN A 113 6.11 -27.07 5.93
C ASN A 113 4.79 -26.51 5.42
N SER A 114 4.19 -25.58 6.17
CA SER A 114 2.89 -25.04 5.77
C SER A 114 2.79 -23.59 5.34
N ASN A 115 3.56 -22.71 5.96
CA ASN A 115 3.45 -21.29 5.66
C ASN A 115 4.69 -20.55 5.19
N LEU A 116 4.47 -19.31 4.81
CA LEU A 116 5.51 -18.37 4.37
C LEU A 116 5.44 -17.26 5.41
N TYR A 117 6.59 -16.73 5.80
CA TYR A 117 6.63 -15.67 6.82
C TYR A 117 7.45 -14.46 6.39
N MET A 118 6.91 -13.27 6.64
CA MET A 118 7.61 -12.03 6.33
C MET A 118 7.50 -11.16 7.57
N VAL A 119 8.64 -10.93 8.21
CA VAL A 119 8.68 -10.14 9.44
C VAL A 119 9.11 -8.71 9.12
N MET A 120 8.18 -7.79 9.24
CA MET A 120 8.42 -6.38 8.96
C MET A 120 8.54 -5.59 10.24
N GLU A 121 8.95 -4.33 10.12
CA GLU A 121 9.02 -3.47 11.29
C GLU A 121 7.56 -3.23 11.66
N TYR A 122 7.28 -3.12 12.95
CA TYR A 122 5.93 -2.89 13.43
C TYR A 122 5.59 -1.40 13.38
N VAL A 123 4.55 -1.06 12.63
CA VAL A 123 4.11 0.34 12.52
C VAL A 123 2.88 0.43 13.42
N ALA A 124 3.09 0.92 14.64
CA ALA A 124 2.03 1.00 15.65
C ALA A 124 0.98 2.10 15.55
N GLY A 125 1.10 3.00 14.59
CA GLY A 125 0.12 4.06 14.49
C GLY A 125 -1.25 3.61 14.01
N GLY A 126 -1.32 2.41 13.43
CA GLY A 126 -2.59 1.91 12.93
C GLY A 126 -2.78 2.23 11.44
N GLU A 127 -3.82 1.63 10.85
CA GLU A 127 -4.14 1.86 9.45
C GLU A 127 -4.65 3.27 9.22
N MET A 128 -4.31 3.86 8.08
CA MET A 128 -4.82 5.18 7.77
C MET A 128 -6.34 5.00 7.76
N PHE A 129 -6.77 3.84 7.25
CA PHE A 129 -8.19 3.52 7.14
C PHE A 129 -9.05 3.81 8.37
N SER A 130 -8.65 3.25 9.52
CA SER A 130 -9.43 3.45 10.74
C SER A 130 -9.46 4.91 11.20
N HIS A 131 -8.34 5.61 11.09
CA HIS A 131 -8.30 7.01 11.50
C HIS A 131 -9.21 7.84 10.56
N LEU A 132 -9.17 7.52 9.28
CA LEU A 132 -9.97 8.23 8.29
C LEU A 132 -11.48 8.04 8.52
N ARG A 133 -11.90 6.80 8.76
CA ARG A 133 -13.32 6.53 8.99
C ARG A 133 -13.79 7.16 10.30
N ARG A 134 -12.99 7.06 11.35
CA ARG A 134 -13.39 7.63 12.63
C ARG A 134 -13.55 9.14 12.55
N ILE A 135 -12.51 9.82 12.07
CA ILE A 135 -12.54 11.27 11.94
C ILE A 135 -13.51 11.76 10.86
N GLY A 136 -13.76 10.93 9.86
CA GLY A 136 -14.67 11.33 8.80
C GLY A 136 -13.92 11.67 7.52
N ARG A 137 -13.10 12.72 7.58
CA ARG A 137 -12.31 13.13 6.43
C ARG A 137 -11.14 13.96 6.92
N PHE A 138 -10.11 14.08 6.08
CA PHE A 138 -8.94 14.86 6.42
C PHE A 138 -9.06 16.21 5.72
N SEP A 139 -8.62 17.26 6.39
CA SEP A 139 -8.67 18.60 5.77
CB SEP A 139 -8.26 19.67 6.79
OG SEP A 139 -6.91 19.53 7.18
C SEP A 139 -7.65 18.53 4.65
O SEP A 139 -6.71 17.74 4.70
P SEP A 139 -6.33 20.28 8.51
O1P SEP A 139 -7.09 19.62 9.61
O2P SEP A 139 -4.87 20.07 8.42
O3P SEP A 139 -6.61 21.72 8.22
N GLU A 140 -7.82 19.37 3.64
CA GLU A 140 -6.91 19.36 2.49
C GLU A 140 -5.43 19.39 2.85
N PRO A 141 -5.03 20.22 3.82
CA PRO A 141 -3.60 20.24 4.17
C PRO A 141 -3.14 18.91 4.76
N HIS A 142 -4.03 18.27 5.51
CA HIS A 142 -3.78 16.98 6.15
C HIS A 142 -3.63 15.92 5.05
N ALA A 143 -4.58 15.87 4.12
CA ALA A 143 -4.53 14.91 3.01
C ALA A 143 -3.27 15.14 2.17
N ARG A 144 -2.97 16.41 1.91
CA ARG A 144 -1.79 16.79 1.11
C ARG A 144 -0.50 16.20 1.70
N PHE A 145 -0.40 16.24 3.03
CA PHE A 145 0.77 15.70 3.72
C PHE A 145 0.99 14.24 3.31
N TYR A 146 -0.02 13.40 3.53
CA TYR A 146 0.10 11.99 3.17
C TYR A 146 0.28 11.82 1.66
N ALA A 147 -0.47 12.59 0.88
CA ALA A 147 -0.37 12.51 -0.57
C ALA A 147 1.05 12.69 -1.07
N ALA A 148 1.71 13.74 -0.57
CA ALA A 148 3.08 14.02 -0.99
C ALA A 148 3.99 12.83 -0.76
N GLN A 149 3.83 12.16 0.38
CA GLN A 149 4.65 11.01 0.69
C GLN A 149 4.42 9.88 -0.32
N ILE A 150 3.17 9.68 -0.72
CA ILE A 150 2.85 8.65 -1.70
C ILE A 150 3.47 9.02 -3.05
N VAL A 151 3.37 10.30 -3.42
CA VAL A 151 3.92 10.78 -4.68
C VAL A 151 5.42 10.48 -4.74
N LEU A 152 6.12 10.77 -3.65
CA LEU A 152 7.56 10.53 -3.60
C LEU A 152 7.86 9.04 -3.63
N THR A 153 7.03 8.26 -2.94
CA THR A 153 7.23 6.81 -2.89
C THR A 153 7.03 6.17 -4.26
N PHE A 154 6.07 6.66 -5.03
CA PHE A 154 5.82 6.11 -6.35
C PHE A 154 6.94 6.55 -7.29
N GLU A 155 7.46 7.76 -7.10
CA GLU A 155 8.54 8.24 -7.95
C GLU A 155 9.70 7.25 -7.80
N TYR A 156 9.97 6.88 -6.55
CA TYR A 156 11.02 5.93 -6.23
C TYR A 156 10.73 4.55 -6.82
N LEU A 157 9.54 4.00 -6.54
CA LEU A 157 9.19 2.67 -7.04
C LEU A 157 9.17 2.56 -8.56
N HIS A 158 8.53 3.51 -9.22
CA HIS A 158 8.45 3.47 -10.67
C HIS A 158 9.83 3.61 -11.32
N SER A 159 10.72 4.36 -10.67
CA SER A 159 12.07 4.54 -11.20
C SER A 159 12.83 3.22 -11.21
N LEU A 160 12.35 2.26 -10.40
CA LEU A 160 12.97 0.95 -10.33
C LEU A 160 12.23 -0.04 -11.22
N ASP A 161 11.30 0.47 -12.02
CA ASP A 161 10.49 -0.34 -12.92
C ASP A 161 9.48 -1.17 -12.14
N LEU A 162 9.15 -0.69 -10.94
CA LEU A 162 8.19 -1.38 -10.08
C LEU A 162 6.81 -0.76 -10.15
N ILE A 163 5.79 -1.61 -10.18
CA ILE A 163 4.42 -1.15 -10.18
C ILE A 163 3.88 -1.69 -8.84
N TYR A 164 3.21 -0.84 -8.06
CA TYR A 164 2.70 -1.21 -6.73
C TYR A 164 1.36 -1.96 -6.74
N ARG A 165 0.36 -1.37 -7.38
CA ARG A 165 -0.95 -1.99 -7.58
C ARG A 165 -1.99 -2.27 -6.48
N ASP A 166 -1.79 -1.79 -5.26
CA ASP A 166 -2.83 -1.99 -4.23
C ASP A 166 -2.85 -0.83 -3.24
N LEU A 167 -2.79 0.38 -3.77
CA LEU A 167 -2.82 1.58 -2.93
C LEU A 167 -4.23 1.76 -2.36
N LYS A 168 -4.30 1.90 -1.03
CA LYS A 168 -5.56 2.11 -0.32
C LYS A 168 -5.27 2.39 1.15
N PRO A 169 -6.20 3.04 1.86
CA PRO A 169 -5.98 3.35 3.28
C PRO A 169 -5.66 2.11 4.12
N GLU A 170 -6.21 0.96 3.73
CA GLU A 170 -5.98 -0.29 4.47
C GLU A 170 -4.54 -0.78 4.37
N ASN A 171 -3.85 -0.40 3.30
CA ASN A 171 -2.46 -0.79 3.09
C ASN A 171 -1.48 0.34 3.41
N LEU A 172 -1.95 1.33 4.16
CA LEU A 172 -1.11 2.46 4.56
C LEU A 172 -1.15 2.58 6.08
N LEU A 173 0.03 2.68 6.70
CA LEU A 173 0.12 2.78 8.15
C LEU A 173 0.73 4.11 8.61
N ILE A 174 0.27 4.58 9.77
CA ILE A 174 0.76 5.83 10.36
C ILE A 174 1.83 5.45 11.38
N ASP A 175 3.06 5.96 11.25
CA ASP A 175 4.09 5.61 12.23
C ASP A 175 4.05 6.53 13.46
N GLN A 176 4.97 6.31 14.39
CA GLN A 176 5.01 7.10 15.62
C GLN A 176 5.23 8.59 15.44
N GLN A 177 5.75 8.99 14.28
CA GLN A 177 5.97 10.40 14.02
C GLN A 177 4.84 10.96 13.16
N GLY A 178 3.81 10.14 12.93
CA GLY A 178 2.69 10.61 12.13
C GLY A 178 2.93 10.53 10.64
N TYR A 179 4.02 9.90 10.23
CA TYR A 179 4.34 9.73 8.81
C TYR A 179 3.79 8.42 8.27
N ILE A 180 3.61 8.36 6.95
CA ILE A 180 3.08 7.17 6.30
C ILE A 180 4.10 6.08 6.02
N GLN A 181 3.65 4.84 6.14
CA GLN A 181 4.46 3.67 5.84
C GLN A 181 3.60 2.79 4.93
N VAL A 182 4.07 2.59 3.70
CA VAL A 182 3.34 1.77 2.76
C VAL A 182 3.65 0.30 3.00
N THR A 183 2.61 -0.51 3.19
CA THR A 183 2.84 -1.94 3.41
C THR A 183 2.15 -2.72 2.29
N ASP A 184 2.16 -4.03 2.42
CA ASP A 184 1.52 -4.92 1.44
C ASP A 184 1.98 -4.78 -0.01
N PHE A 185 3.11 -5.41 -0.31
CA PHE A 185 3.68 -5.42 -1.66
C PHE A 185 3.21 -6.66 -2.45
N GLY A 186 2.12 -7.25 -1.99
CA GLY A 186 1.59 -8.45 -2.63
C GLY A 186 1.39 -8.39 -4.14
N PHE A 187 0.98 -7.24 -4.66
CA PHE A 187 0.81 -7.14 -6.11
C PHE A 187 1.94 -6.39 -6.80
N ALA A 188 2.96 -6.04 -6.02
CA ALA A 188 4.11 -5.32 -6.57
C ALA A 188 4.78 -6.20 -7.61
N LYS A 189 5.26 -5.59 -8.69
CA LYS A 189 5.89 -6.36 -9.75
C LYS A 189 6.90 -5.51 -10.51
N ARG A 190 8.03 -6.12 -10.86
CA ARG A 190 9.04 -5.41 -11.63
C ARG A 190 8.78 -5.73 -13.10
N VAL A 191 8.30 -4.75 -13.83
CA VAL A 191 7.97 -4.93 -15.24
C VAL A 191 8.27 -3.68 -16.05
N LYS A 192 8.99 -3.88 -17.16
CA LYS A 192 9.35 -2.79 -18.06
C LYS A 192 8.16 -2.37 -18.92
N GLY A 193 7.59 -3.34 -19.62
CA GLY A 193 6.46 -3.06 -20.48
C GLY A 193 5.09 -3.12 -19.82
N ARG A 194 4.09 -3.52 -20.58
CA ARG A 194 2.73 -3.62 -20.08
C ARG A 194 2.55 -4.92 -19.32
N THR A 195 1.52 -4.97 -18.47
CA THR A 195 1.21 -6.18 -17.73
C THR A 195 -0.32 -6.32 -17.79
N TRP A 196 -0.83 -7.53 -17.54
CA TRP A 196 -2.28 -7.77 -17.66
C TRP A 196 -3.05 -8.36 -16.49
N TPO A 197 -2.39 -8.78 -15.42
CA TPO A 197 -3.12 -9.42 -14.33
CB TPO A 197 -2.20 -9.94 -13.20
CG2 TPO A 197 -2.94 -10.94 -12.33
OG1 TPO A 197 -1.05 -10.57 -13.78
P TPO A 197 0.41 -9.86 -13.63
O1P TPO A 197 1.31 -10.78 -14.38
O2P TPO A 197 0.16 -8.50 -14.18
O3P TPO A 197 0.60 -9.74 -12.17
C TPO A 197 -4.18 -8.55 -13.66
O TPO A 197 -3.95 -7.38 -13.35
N LEU A 198 -5.35 -9.13 -13.43
CA LEU A 198 -6.43 -8.43 -12.77
C LEU A 198 -6.15 -8.53 -11.27
N CYS A 199 -5.89 -7.39 -10.65
CA CYS A 199 -5.62 -7.34 -9.22
C CYS A 199 -5.70 -5.92 -8.72
N GLY A 200 -5.86 -5.78 -7.41
CA GLY A 200 -5.97 -4.49 -6.76
C GLY A 200 -7.17 -4.56 -5.82
N THR A 201 -7.84 -3.44 -5.62
CA THR A 201 -9.04 -3.39 -4.78
C THR A 201 -10.07 -2.65 -5.63
N PRO A 202 -11.30 -3.18 -5.72
CA PRO A 202 -12.39 -2.59 -6.52
C PRO A 202 -12.44 -1.07 -6.65
N GLU A 203 -12.62 -0.39 -5.52
CA GLU A 203 -12.70 1.07 -5.49
C GLU A 203 -11.51 1.80 -6.10
N TYR A 204 -10.33 1.17 -6.10
CA TYR A 204 -9.11 1.80 -6.61
C TYR A 204 -8.62 1.42 -8.01
N LEU A 205 -9.34 0.52 -8.67
CA LEU A 205 -9.00 0.05 -10.02
C LEU A 205 -9.15 1.09 -11.13
N ALA A 206 -8.10 1.25 -11.95
CA ALA A 206 -8.15 2.18 -13.07
C ALA A 206 -9.05 1.58 -14.15
N PRO A 207 -9.60 2.42 -15.04
CA PRO A 207 -10.48 1.93 -16.10
C PRO A 207 -9.85 0.81 -16.92
N GLU A 208 -8.60 1.01 -17.33
CA GLU A 208 -7.91 0.02 -18.15
C GLU A 208 -7.78 -1.36 -17.49
N ILE A 209 -7.79 -1.43 -16.17
CA ILE A 209 -7.69 -2.74 -15.52
C ILE A 209 -9.03 -3.44 -15.62
N ILE A 210 -10.10 -2.72 -15.31
CA ILE A 210 -11.44 -3.28 -15.37
C ILE A 210 -11.77 -3.77 -16.77
N LEU A 211 -11.31 -3.05 -17.79
CA LEU A 211 -11.59 -3.42 -19.17
C LEU A 211 -10.60 -4.43 -19.75
N SER A 212 -9.90 -5.14 -18.87
CA SER A 212 -8.92 -6.16 -19.26
C SER A 212 -7.95 -5.73 -20.36
N LYS A 213 -7.41 -4.53 -20.25
CA LYS A 213 -6.46 -4.05 -21.25
C LYS A 213 -5.06 -4.11 -20.65
N GLY A 214 -4.05 -4.04 -21.50
CA GLY A 214 -2.69 -4.04 -20.98
C GLY A 214 -2.53 -2.69 -20.31
N TYR A 215 -1.87 -2.66 -19.15
CA TYR A 215 -1.69 -1.39 -18.45
C TYR A 215 -0.29 -1.24 -17.87
N ASN A 216 -0.01 -0.08 -17.29
CA ASN A 216 1.29 0.17 -16.71
C ASN A 216 1.18 0.99 -15.43
N LYS A 217 2.29 1.56 -15.00
CA LYS A 217 2.34 2.34 -13.78
C LYS A 217 1.27 3.43 -13.68
N ALA A 218 0.64 3.77 -14.79
CA ALA A 218 -0.40 4.79 -14.79
C ALA A 218 -1.54 4.42 -13.84
N VAL A 219 -1.73 3.13 -13.61
CA VAL A 219 -2.80 2.70 -12.72
C VAL A 219 -2.51 3.14 -11.29
N ASP A 220 -1.22 3.26 -10.95
CA ASP A 220 -0.85 3.71 -9.61
C ASP A 220 -1.22 5.18 -9.43
N TRP A 221 -1.03 5.98 -10.49
CA TRP A 221 -1.36 7.42 -10.39
C TRP A 221 -2.87 7.58 -10.33
N TRP A 222 -3.60 6.70 -10.99
CA TRP A 222 -5.05 6.76 -10.94
C TRP A 222 -5.48 6.43 -9.51
N ALA A 223 -4.83 5.41 -8.93
CA ALA A 223 -5.14 4.99 -7.58
C ALA A 223 -4.87 6.16 -6.63
N LEU A 224 -3.82 6.93 -6.90
CA LEU A 224 -3.50 8.08 -6.05
C LEU A 224 -4.65 9.07 -6.10
N GLY A 225 -5.26 9.22 -7.27
CA GLY A 225 -6.38 10.13 -7.41
C GLY A 225 -7.52 9.71 -6.49
N VAL A 226 -7.80 8.41 -6.46
CA VAL A 226 -8.86 7.87 -5.61
C VAL A 226 -8.54 8.12 -4.14
N LEU A 227 -7.29 7.83 -3.75
CA LEU A 227 -6.86 8.00 -2.36
C LEU A 227 -7.02 9.44 -1.88
N ILE A 228 -6.51 10.38 -2.67
CA ILE A 228 -6.60 11.80 -2.32
C ILE A 228 -8.07 12.18 -2.18
N TYR A 229 -8.90 11.76 -3.14
CA TYR A 229 -10.32 12.06 -3.09
C TYR A 229 -10.93 11.48 -1.82
N GLU A 230 -10.69 10.20 -1.55
CA GLU A 230 -11.25 9.59 -0.37
C GLU A 230 -10.80 10.26 0.92
N MET A 231 -9.52 10.62 1.01
CA MET A 231 -9.01 11.27 2.20
C MET A 231 -9.68 12.62 2.44
N ALA A 232 -9.79 13.42 1.38
CA ALA A 232 -10.40 14.74 1.50
C ALA A 232 -11.92 14.74 1.56
N ALA A 233 -12.56 13.77 0.90
CA ALA A 233 -14.02 13.72 0.90
C ALA A 233 -14.63 12.90 2.02
N GLY A 234 -13.93 11.85 2.45
CA GLY A 234 -14.46 11.01 3.51
C GLY A 234 -15.02 9.72 2.91
N TYR A 235 -15.19 9.72 1.59
CA TYR A 235 -15.70 8.55 0.88
C TYR A 235 -15.03 8.50 -0.50
N PRO A 236 -15.00 7.32 -1.14
CA PRO A 236 -14.35 7.27 -2.45
C PRO A 236 -15.19 7.90 -3.57
N PRO A 237 -14.53 8.24 -4.70
CA PRO A 237 -15.21 8.85 -5.85
C PRO A 237 -16.20 7.94 -6.54
N PHE A 238 -16.01 6.63 -6.38
CA PHE A 238 -16.88 5.63 -6.97
C PHE A 238 -17.18 4.58 -5.92
N PHE A 239 -18.41 4.58 -5.40
CA PHE A 239 -18.79 3.59 -4.41
C PHE A 239 -20.16 3.01 -4.67
N ALA A 240 -20.39 1.79 -4.18
CA ALA A 240 -21.67 1.12 -4.35
C ALA A 240 -21.64 -0.09 -3.42
N ASP A 241 -22.70 -0.90 -3.46
CA ASP A 241 -22.76 -2.06 -2.58
C ASP A 241 -22.01 -3.28 -3.11
N GLN A 242 -21.86 -3.34 -4.43
CA GLN A 242 -21.16 -4.45 -5.07
C GLN A 242 -20.11 -3.96 -6.06
N PRO A 243 -18.98 -4.68 -6.15
CA PRO A 243 -17.88 -4.32 -7.06
C PRO A 243 -18.34 -4.02 -8.50
N ILE A 244 -19.23 -4.86 -9.04
CA ILE A 244 -19.72 -4.65 -10.41
C ILE A 244 -20.31 -3.26 -10.59
N GLN A 245 -21.03 -2.79 -9.59
CA GLN A 245 -21.65 -1.46 -9.63
C GLN A 245 -20.57 -0.40 -9.57
N ILE A 246 -19.51 -0.67 -8.82
CA ILE A 246 -18.39 0.27 -8.70
C ILE A 246 -17.68 0.36 -10.05
N TYR A 247 -17.48 -0.78 -10.69
CA TYR A 247 -16.80 -0.83 -11.98
C TYR A 247 -17.53 -0.01 -13.04
N GLU A 248 -18.86 -0.06 -13.05
CA GLU A 248 -19.65 0.69 -14.03
C GLU A 248 -19.39 2.19 -13.84
N LYS A 249 -19.37 2.65 -12.59
CA LYS A 249 -19.13 4.06 -12.32
C LYS A 249 -17.72 4.48 -12.72
N ILE A 250 -16.74 3.63 -12.42
CA ILE A 250 -15.34 3.91 -12.75
C ILE A 250 -15.12 4.11 -14.26
N VAL A 251 -15.60 3.16 -15.06
CA VAL A 251 -15.42 3.24 -16.50
C VAL A 251 -16.17 4.43 -17.10
N SER A 252 -17.34 4.76 -16.56
CA SER A 252 -18.09 5.89 -17.09
C SER A 252 -17.22 7.13 -16.89
N GLY A 253 -16.34 7.06 -15.90
CA GLY A 253 -15.43 8.16 -15.61
C GLY A 253 -16.01 9.37 -14.90
N LYS A 254 -17.30 9.59 -15.03
CA LYS A 254 -17.96 10.73 -14.40
C LYS A 254 -17.67 10.83 -12.91
N VAL A 255 -17.15 11.98 -12.48
CA VAL A 255 -16.81 12.20 -11.07
C VAL A 255 -17.41 13.50 -10.55
N ARG A 256 -17.98 13.44 -9.35
CA ARG A 256 -18.56 14.62 -8.71
C ARG A 256 -17.77 14.89 -7.43
N PHE A 257 -17.41 16.15 -7.20
CA PHE A 257 -16.63 16.51 -6.02
C PHE A 257 -17.45 17.25 -4.98
N PRO A 258 -17.10 17.07 -3.69
CA PRO A 258 -17.82 17.74 -2.61
C PRO A 258 -17.70 19.25 -2.82
N SER A 259 -18.69 20.01 -2.36
CA SER A 259 -18.66 21.46 -2.54
C SER A 259 -17.51 22.13 -1.79
N HIS A 260 -16.97 21.47 -0.77
CA HIS A 260 -15.87 22.03 0.00
C HIS A 260 -14.50 21.78 -0.60
N PHE A 261 -14.44 21.10 -1.75
CA PHE A 261 -13.18 20.84 -2.42
C PHE A 261 -12.69 22.12 -3.07
N SER A 262 -11.45 22.51 -2.80
CA SER A 262 -10.88 23.73 -3.39
C SER A 262 -10.74 23.56 -4.90
N SER A 263 -10.54 24.67 -5.60
CA SER A 263 -10.39 24.65 -7.05
C SER A 263 -9.16 23.85 -7.49
N ASP A 264 -8.06 24.04 -6.77
CA ASP A 264 -6.81 23.34 -7.07
C ASP A 264 -6.96 21.82 -6.91
N LEU A 265 -7.67 21.40 -5.87
CA LEU A 265 -7.85 19.98 -5.61
C LEU A 265 -8.69 19.33 -6.70
N LYS A 266 -9.74 20.01 -7.12
CA LYS A 266 -10.62 19.51 -8.17
C LYS A 266 -9.88 19.39 -9.49
N ASP A 267 -9.02 20.36 -9.80
CA ASP A 267 -8.25 20.32 -11.04
C ASP A 267 -7.26 19.17 -11.04
N LEU A 268 -6.55 18.98 -9.94
CA LEU A 268 -5.58 17.89 -9.84
C LEU A 268 -6.28 16.56 -10.02
N LEU A 269 -7.41 16.39 -9.33
CA LEU A 269 -8.17 15.15 -9.41
C LEU A 269 -8.68 14.84 -10.80
N ARG A 270 -9.08 15.85 -11.54
CA ARG A 270 -9.57 15.62 -12.90
C ARG A 270 -8.42 15.10 -13.75
N ASN A 271 -7.21 15.55 -13.44
CA ASN A 271 -6.02 15.15 -14.15
C ASN A 271 -5.49 13.78 -13.73
N LEU A 272 -5.82 13.35 -12.51
CA LEU A 272 -5.38 12.05 -12.02
C LEU A 272 -6.43 10.99 -12.34
N LEU A 273 -7.70 11.31 -12.09
CA LEU A 273 -8.78 10.39 -12.39
C LEU A 273 -9.18 10.58 -13.85
N GLN A 274 -8.16 10.61 -14.71
CA GLN A 274 -8.35 10.79 -16.15
C GLN A 274 -8.39 9.45 -16.87
N VAL A 275 -9.50 9.17 -17.54
CA VAL A 275 -9.65 7.92 -18.26
C VAL A 275 -8.69 7.84 -19.45
N ASP A 276 -8.40 8.99 -20.04
CA ASP A 276 -7.50 9.06 -21.19
C ASP A 276 -6.03 9.03 -20.78
N LEU A 277 -5.36 7.92 -21.09
CA LEU A 277 -3.96 7.76 -20.73
C LEU A 277 -3.02 8.82 -21.31
N THR A 278 -3.43 9.49 -22.39
CA THR A 278 -2.56 10.51 -22.98
C THR A 278 -2.70 11.83 -22.24
N LYS A 279 -3.55 11.85 -21.22
CA LYS A 279 -3.77 13.07 -20.45
C LYS A 279 -3.63 12.86 -18.94
N ARG A 280 -3.56 11.62 -18.50
CA ARG A 280 -3.45 11.35 -17.06
C ARG A 280 -2.09 11.76 -16.50
N PHE A 281 -2.12 12.63 -15.50
CA PHE A 281 -0.90 13.09 -14.85
C PHE A 281 -0.12 11.90 -14.33
N GLY A 282 1.20 12.00 -14.40
CA GLY A 282 2.06 10.92 -13.96
C GLY A 282 2.47 10.08 -15.15
N ASN A 283 1.62 10.09 -16.18
CA ASN A 283 1.86 9.30 -17.38
C ASN A 283 2.27 10.12 -18.61
N LEU A 284 2.33 11.44 -18.46
CA LEU A 284 2.69 12.31 -19.57
C LEU A 284 4.20 12.43 -19.77
N LYS A 285 4.59 13.21 -20.77
CA LYS A 285 6.00 13.40 -21.08
C LYS A 285 6.76 14.02 -19.91
N ASN A 286 6.07 14.83 -19.12
CA ASN A 286 6.68 15.50 -17.97
C ASN A 286 6.74 14.62 -16.71
N GLY A 287 6.36 13.35 -16.86
CA GLY A 287 6.40 12.42 -15.74
C GLY A 287 5.71 12.85 -14.45
N VAL A 288 6.39 12.60 -13.33
CA VAL A 288 5.87 12.93 -12.00
C VAL A 288 5.84 14.43 -11.70
N ASN A 289 6.66 15.20 -12.40
CA ASN A 289 6.72 16.64 -12.17
C ASN A 289 5.40 17.34 -12.46
N ASP A 290 4.57 16.74 -13.31
CA ASP A 290 3.27 17.32 -13.63
C ASP A 290 2.45 17.38 -12.36
N ILE A 291 2.72 16.46 -11.44
CA ILE A 291 2.00 16.40 -10.17
C ILE A 291 2.68 17.25 -9.10
N LYS A 292 3.99 17.09 -8.97
CA LYS A 292 4.76 17.82 -7.98
C LYS A 292 4.78 19.34 -8.20
N ASN A 293 4.58 19.77 -9.44
CA ASN A 293 4.57 21.20 -9.74
C ASN A 293 3.16 21.75 -9.82
N HIS A 294 2.17 20.90 -9.55
CA HIS A 294 0.78 21.34 -9.60
C HIS A 294 0.48 22.31 -8.46
N LYS A 295 -0.48 23.19 -8.70
CA LYS A 295 -0.87 24.20 -7.71
C LYS A 295 -1.23 23.65 -6.34
N TRP A 296 -2.02 22.59 -6.31
CA TRP A 296 -2.46 22.00 -5.04
C TRP A 296 -1.29 21.65 -4.14
N PHE A 297 -0.11 21.44 -4.73
CA PHE A 297 1.08 21.10 -3.97
C PHE A 297 2.03 22.28 -3.84
N ALA A 298 1.56 23.46 -4.19
CA ALA A 298 2.39 24.66 -4.13
C ALA A 298 3.11 24.84 -2.79
N THR A 299 2.39 24.64 -1.69
CA THR A 299 2.97 24.80 -0.37
C THR A 299 3.77 23.58 0.09
N THR A 300 3.90 22.59 -0.77
CA THR A 300 4.64 21.38 -0.41
C THR A 300 6.13 21.47 -0.68
N ASP A 301 6.92 21.29 0.37
CA ASP A 301 8.37 21.31 0.25
C ASP A 301 8.79 19.84 0.19
N TRP A 302 8.91 19.33 -1.03
CA TRP A 302 9.25 17.93 -1.25
C TRP A 302 10.48 17.39 -0.54
N ILE A 303 11.54 18.20 -0.45
CA ILE A 303 12.75 17.73 0.23
C ILE A 303 12.49 17.59 1.72
N ALA A 304 11.76 18.55 2.30
CA ALA A 304 11.44 18.52 3.72
C ALA A 304 10.62 17.28 4.06
N ILE A 305 9.67 16.96 3.19
CA ILE A 305 8.83 15.77 3.39
C ILE A 305 9.71 14.53 3.42
N TYR A 306 10.51 14.35 2.38
CA TYR A 306 11.42 13.21 2.31
C TYR A 306 12.32 13.14 3.54
N GLN A 307 12.82 14.28 3.98
CA GLN A 307 13.69 14.33 5.14
C GLN A 307 12.91 14.19 6.44
N ARG A 308 11.58 14.16 6.34
CA ARG A 308 10.73 14.04 7.51
C ARG A 308 10.94 15.20 8.49
N LYS A 309 11.13 16.40 7.94
CA LYS A 309 11.35 17.58 8.76
C LYS A 309 10.04 18.34 8.99
N VAL A 310 8.98 17.88 8.32
CA VAL A 310 7.67 18.52 8.45
C VAL A 310 6.92 17.95 9.64
N GLU A 311 6.17 18.81 10.33
CA GLU A 311 5.40 18.40 11.50
C GLU A 311 4.14 17.66 11.02
N ALA A 312 3.96 16.44 11.50
CA ALA A 312 2.81 15.64 11.12
C ALA A 312 1.52 16.28 11.63
N PRO A 313 0.44 16.22 10.83
CA PRO A 313 -0.85 16.79 11.20
C PRO A 313 -1.46 16.03 12.38
N PHE A 314 -1.11 14.75 12.48
CA PHE A 314 -1.64 13.89 13.53
C PHE A 314 -0.57 12.92 14.02
N ILE A 315 -0.40 12.83 15.34
CA ILE A 315 0.56 11.91 15.93
C ILE A 315 -0.19 10.90 16.79
N PRO A 316 -0.23 9.64 16.37
CA PRO A 316 -0.92 8.58 17.11
C PRO A 316 -0.46 8.40 18.55
N LYS A 317 -1.37 7.94 19.39
CA LYS A 317 -1.07 7.70 20.81
C LYS A 317 -0.51 6.30 21.00
N PHE A 318 0.62 6.22 21.70
CA PHE A 318 1.26 4.93 21.94
C PHE A 318 1.51 4.72 23.43
N LYS A 319 0.63 3.95 24.07
CA LYS A 319 0.75 3.68 25.50
C LYS A 319 1.90 2.72 25.81
N GLY A 320 2.98 2.82 25.03
CA GLY A 320 4.12 1.96 25.26
C GLY A 320 4.32 0.93 24.18
N PRO A 321 5.43 0.17 24.24
CA PRO A 321 5.71 -0.86 23.23
C PRO A 321 4.74 -2.03 23.32
N GLY A 322 4.42 -2.61 22.17
CA GLY A 322 3.50 -3.74 22.15
C GLY A 322 2.05 -3.30 22.15
N ASP A 323 1.83 -1.99 22.25
CA ASP A 323 0.49 -1.42 22.26
C ASP A 323 -0.15 -1.60 20.87
N THR A 324 -1.37 -2.15 20.83
CA THR A 324 -2.08 -2.36 19.57
C THR A 324 -3.42 -1.64 19.56
N SER A 325 -3.60 -0.73 20.52
CA SER A 325 -4.85 0.01 20.63
C SER A 325 -5.25 0.77 19.36
N ASN A 326 -4.30 0.97 18.45
CA ASN A 326 -4.61 1.69 17.22
C ASN A 326 -5.11 0.75 16.12
N PHE A 327 -5.28 -0.52 16.46
CA PHE A 327 -5.75 -1.52 15.52
C PHE A 327 -7.00 -2.22 16.05
N ASP A 328 -7.89 -2.61 15.14
CA ASP A 328 -9.11 -3.33 15.51
C ASP A 328 -8.70 -4.70 16.04
N ASP A 329 -9.63 -5.39 16.67
CA ASP A 329 -9.39 -6.74 17.20
C ASP A 329 -9.83 -7.73 16.14
N TYR A 330 -9.12 -8.86 16.05
CA TYR A 330 -9.46 -9.89 15.09
C TYR A 330 -9.57 -11.25 15.74
N GLU A 331 -10.35 -12.14 15.16
CA GLU A 331 -10.49 -13.48 15.69
C GLU A 331 -9.13 -14.13 15.50
N GLU A 332 -8.64 -14.81 16.53
CA GLU A 332 -7.34 -15.47 16.42
C GLU A 332 -7.52 -16.90 15.93
N GLU A 333 -6.49 -17.40 15.24
CA GLU A 333 -6.50 -18.76 14.70
C GLU A 333 -5.16 -19.40 15.01
N GLU A 334 -5.18 -20.70 15.29
CA GLU A 334 -3.96 -21.44 15.62
C GLU A 334 -3.08 -21.63 14.40
N ILE A 335 -1.81 -21.23 14.52
CA ILE A 335 -0.86 -21.36 13.43
C ILE A 335 -0.27 -22.77 13.42
N ARG A 336 -0.97 -23.70 12.78
CA ARG A 336 -0.50 -25.08 12.72
C ARG A 336 0.48 -25.29 11.58
N VAL A 337 1.46 -26.16 11.83
CA VAL A 337 2.49 -26.48 10.85
C VAL A 337 2.44 -27.99 10.60
N SEP A 338 2.22 -28.37 9.34
CA SEP A 338 2.15 -29.78 8.96
CB SEP A 338 1.76 -29.90 7.49
OG SEP A 338 0.46 -30.43 7.33
C SEP A 338 3.46 -30.54 9.18
O SEP A 338 4.53 -29.95 9.27
P SEP A 338 0.13 -32.00 7.62
O1P SEP A 338 -1.24 -32.14 7.09
O2P SEP A 338 1.24 -32.71 6.93
O3P SEP A 338 0.34 -32.13 9.09
N ILE A 339 3.34 -31.86 9.26
CA ILE A 339 4.51 -32.72 9.44
C ILE A 339 5.05 -33.02 8.06
N ASN A 340 4.25 -32.71 7.05
CA ASN A 340 4.62 -32.91 5.65
C ASN A 340 4.78 -31.56 4.96
N GLU A 341 5.90 -31.37 4.28
CA GLU A 341 6.14 -30.11 3.57
C GLU A 341 5.10 -29.97 2.47
N LYS A 342 4.60 -28.76 2.28
CA LYS A 342 3.61 -28.52 1.24
C LYS A 342 4.05 -27.48 0.22
N CYS A 343 3.83 -27.80 -1.05
CA CYS A 343 4.16 -26.90 -2.15
C CYS A 343 5.64 -26.50 -2.11
N GLY A 344 6.51 -27.44 -1.79
CA GLY A 344 7.92 -27.13 -1.71
C GLY A 344 8.54 -26.61 -3.00
N LYS A 345 8.16 -27.22 -4.12
CA LYS A 345 8.68 -26.82 -5.42
C LYS A 345 8.21 -25.41 -5.79
N GLU A 346 6.93 -25.14 -5.58
CA GLU A 346 6.36 -23.85 -5.92
C GLU A 346 7.08 -22.67 -5.26
N PHE A 347 7.44 -22.82 -3.99
CA PHE A 347 8.10 -21.74 -3.26
C PHE A 347 9.55 -21.98 -2.89
N THR A 348 10.26 -22.75 -3.70
CA THR A 348 11.66 -23.04 -3.42
C THR A 348 12.54 -21.79 -3.27
N GLU A 349 12.28 -20.75 -4.08
CA GLU A 349 13.11 -19.54 -3.98
C GLU A 349 12.72 -18.60 -2.86
N PHE A 350 11.60 -18.86 -2.20
CA PHE A 350 11.18 -17.98 -1.12
C PHE A 350 12.09 -18.16 0.09
N THR B 1 -27.68 13.15 1.41
CA THR B 1 -26.29 13.60 1.11
C THR B 1 -25.46 12.40 0.66
N THR B 2 -24.36 12.66 -0.03
CA THR B 2 -23.51 11.60 -0.51
C THR B 2 -22.91 10.83 0.67
N TYR B 3 -22.48 11.57 1.70
CA TYR B 3 -21.92 10.95 2.89
C TYR B 3 -22.94 10.00 3.52
N ALA B 4 -24.19 10.45 3.61
CA ALA B 4 -25.25 9.63 4.19
C ALA B 4 -25.41 8.36 3.37
N ASP B 5 -25.34 8.49 2.05
CA ASP B 5 -25.48 7.31 1.21
C ASP B 5 -24.31 6.35 1.41
N PHE B 6 -23.10 6.90 1.48
CA PHE B 6 -21.94 6.05 1.69
C PHE B 6 -22.03 5.32 3.03
N ILE B 7 -22.24 6.06 4.11
CA ILE B 7 -22.32 5.47 5.44
C ILE B 7 -23.35 4.36 5.54
N ALA B 8 -24.41 4.47 4.75
CA ALA B 8 -25.46 3.45 4.76
C ALA B 8 -25.17 2.29 3.82
N SER B 9 -24.14 2.41 3.01
CA SER B 9 -23.79 1.36 2.05
C SER B 9 -23.12 0.16 2.69
N GLY B 10 -22.93 -0.90 1.91
CA GLY B 10 -22.31 -2.11 2.44
C GLY B 10 -20.80 -2.19 2.34
N ARG B 11 -20.14 -1.13 1.89
CA ARG B 11 -18.68 -1.15 1.77
C ARG B 11 -17.96 -0.01 2.49
N THR B 12 -18.32 0.21 3.76
CA THR B 12 -17.68 1.25 4.56
C THR B 12 -16.59 0.65 5.45
N GLY B 13 -16.55 -0.68 5.53
CA GLY B 13 -15.53 -1.34 6.34
C GLY B 13 -14.28 -1.65 5.51
N ARG B 14 -13.29 -2.30 6.12
CA ARG B 14 -12.06 -2.63 5.41
C ARG B 14 -12.37 -3.45 4.15
N ARG B 15 -11.75 -3.05 3.04
CA ARG B 15 -11.96 -3.71 1.76
C ARG B 15 -10.85 -4.67 1.40
N ALA B 16 -11.24 -5.90 1.08
CA ALA B 16 -10.30 -6.95 0.70
C ALA B 16 -9.82 -6.76 -0.74
N SER B 17 -8.61 -7.22 -1.02
CA SER B 17 -8.05 -7.11 -2.37
C SER B 17 -8.70 -8.19 -3.24
N ILE B 18 -8.77 -7.94 -4.54
CA ILE B 18 -9.37 -8.91 -5.46
C ILE B 18 -8.31 -9.49 -6.38
N HIS B 19 -8.67 -10.56 -7.07
CA HIS B 19 -7.75 -11.22 -7.99
C HIS B 19 -8.55 -11.99 -9.03
N ASP B 20 -7.86 -12.85 -9.78
CA ASP B 20 -8.52 -13.66 -10.79
C ASP B 20 -9.41 -14.67 -10.07
MG MG C . -1.91 -7.81 -0.47
MG MG D . -3.45 -5.50 2.22
PB ADP E . -2.98 -8.75 2.46
O1B ADP E . -3.76 -10.02 2.42
O2B ADP E . -1.88 -8.66 1.49
O3B ADP E . -3.75 -7.53 2.17
PA ADP E . -1.52 -7.18 4.06
O1A ADP E . -0.05 -7.23 3.82
O2A ADP E . -2.26 -5.99 3.58
O3A ADP E . -2.33 -8.44 3.79
O5' ADP E . -1.61 -7.03 5.64
C5' ADP E . -2.87 -7.14 6.31
C4' ADP E . -3.03 -6.06 7.35
O4' ADP E . -2.01 -6.21 8.38
C3' ADP E . -2.86 -4.62 6.90
O3' ADP E . -4.07 -4.13 6.31
C2' ADP E . -2.53 -3.90 8.20
O2' ADP E . -3.66 -3.66 9.03
C1' ADP E . -1.64 -4.94 8.89
N9 ADP E . -0.21 -4.75 8.66
C8 ADP E . 0.52 -5.13 7.56
N7 ADP E . 1.79 -4.83 7.65
C5 ADP E . 1.91 -4.21 8.88
C6 ADP E . 3.01 -3.66 9.56
N6 ADP E . 4.26 -3.67 9.09
N1 ADP E . 2.78 -3.10 10.77
C2 ADP E . 1.53 -3.09 11.25
N3 ADP E . 0.43 -3.60 10.71
C4 ADP E . 0.69 -4.15 9.51
AL AF3 F . -5.09 -7.13 0.32
F1 AF3 F . -4.85 -5.37 0.83
F2 AF3 F . -3.85 -7.94 -0.75
F3 AF3 F . -6.63 -8.03 0.83
C1 MPD G . 15.37 12.51 -3.12
C2 MPD G . 14.04 13.30 -3.28
O2 MPD G . 13.98 14.16 -4.41
CM MPD G . 13.97 14.26 -2.10
C3 MPD G . 12.82 12.33 -3.19
C4 MPD G . 12.71 11.46 -4.47
O4 MPD G . 13.91 11.23 -5.21
C5 MPD G . 11.59 10.41 -4.56
#